data_7U4G
#
_entry.id   7U4G
#
_cell.length_a   107.954
_cell.length_b   107.954
_cell.length_c   78.619
_cell.angle_alpha   90.000
_cell.angle_beta   90.000
_cell.angle_gamma   90.000
#
_symmetry.space_group_name_H-M   'P 4 21 2'
#
loop_
_entity.id
_entity.type
_entity.pdbx_description
1 polymer Neuraminidase
2 branched alpha-D-mannopyranose-(1-2)-alpha-D-mannopyranose-(1-3)-[alpha-D-mannopyranose-(1-6)]beta-D-mannopyranose-(1-4)-2-acetamido-2-deoxy-beta-D-glucopyranose-(1-4)-2-acetamido-2-deoxy-beta-D-glucopyranose
3 branched alpha-D-mannopyranose-(1-4)-2-acetamido-2-deoxy-beta-D-glucopyranose
4 branched 2-acetamido-2-deoxy-beta-D-glucopyranose-(1-4)-2-acetamido-2-deoxy-beta-D-glucopyranose
5 non-polymer ZANAMIVIR
6 non-polymer 'CALCIUM ION'
7 water water
#
_entity_poly.entity_id   1
_entity_poly.type   'polypeptide(L)'
_entity_poly.pdbx_seq_one_letter_code
;MNPNQKIITIGSVTLTIATICFLMQIAILVTTVTLHFKQYECNSPPNNQVMLCEPTIIERNITEIVYLTNTTIEKEICPK
LAEYRNWSKPQCKITGFAPFSKDNSIRLSAGGDIWVTREPYVSCDPGKCYQFALGQGTTLNNRHSNDTVHDRTPYRTLLM
NELGVPFHLGTKQVCIAWSSSSCHDGKAWLHVCVTGHDENATASFIYDGRLVDSIGSWSKNILRTQESECVCINGTCTVV
MTDGSASERADTKILFIEEGKIVHISPLSGSAQHVEECSCYPRYPGVRCVCRDNWKGSNRPIVDINVKDYSIVSSYVCSG
LVGDTPRKNDSSSSSYCRNPNNEKGSHGVKGWAFDDGNDVWMGRTISEELRSGYETFKVIGGWSKPNSKLQINRQVIVDR
GNRSGYSGIFSVEGKSCINRCFYVELIRGRKQETEVWWTSNSIVVFCGTSGTYGTGSWPDGGDINLMPI
;
_entity_poly.pdbx_strand_id   A
#
loop_
_chem_comp.id
_chem_comp.type
_chem_comp.name
_chem_comp.formula
BMA D-saccharide, beta linking beta-D-mannopyranose 'C6 H12 O6'
CA non-polymer 'CALCIUM ION' 'Ca 2'
MAN D-saccharide, alpha linking alpha-D-mannopyranose 'C6 H12 O6'
NAG D-saccharide, beta linking 2-acetamido-2-deoxy-beta-D-glucopyranose 'C8 H15 N O6'
ZMR D-saccharide ZANAMIVIR 'C12 H20 N4 O7'
#
# COMPACT_ATOMS: atom_id res chain seq x y z
N ALA A 82 18.89 12.53 -17.68
CA ALA A 82 17.93 11.62 -16.97
C ALA A 82 18.15 10.18 -17.44
N GLU A 83 18.53 9.32 -16.49
CA GLU A 83 18.75 7.90 -16.75
C GLU A 83 17.65 7.11 -16.03
N TYR A 84 17.37 5.91 -16.56
CA TYR A 84 16.46 4.99 -15.91
C TYR A 84 17.04 4.54 -14.56
N ARG A 85 16.17 4.44 -13.55
CA ARG A 85 16.49 3.81 -12.28
C ARG A 85 16.75 2.31 -12.50
N ASN A 86 17.82 1.80 -11.87
CA ASN A 86 18.12 0.37 -11.84
C ASN A 86 17.98 -0.18 -10.42
N TRP A 87 18.05 0.70 -9.41
CA TRP A 87 17.99 0.29 -8.01
C TRP A 87 19.07 -0.73 -7.67
N SER A 88 20.23 -0.65 -8.35
CA SER A 88 21.26 -1.67 -8.16
C SER A 88 22.24 -1.25 -7.08
N LYS A 89 21.72 -1.01 -5.87
CA LYS A 89 22.53 -0.77 -4.69
C LYS A 89 22.04 -1.74 -3.60
N PRO A 90 22.86 -2.04 -2.57
CA PRO A 90 22.41 -2.92 -1.49
C PRO A 90 21.34 -2.19 -0.69
N GLN A 91 20.49 -2.97 -0.01
CA GLN A 91 19.53 -2.40 0.95
C GLN A 91 20.29 -1.78 2.11
N CYS A 92 19.81 -0.62 2.60
CA CYS A 92 20.41 0.04 3.74
C CYS A 92 20.28 -0.81 5.00
N LYS A 93 21.24 -0.62 5.92
CA LYS A 93 21.12 -1.13 7.28
C LYS A 93 19.91 -0.46 7.93
N ILE A 94 19.09 -1.25 8.63
CA ILE A 94 17.87 -0.78 9.27
C ILE A 94 17.90 -1.26 10.72
N THR A 95 17.76 -0.32 11.66
CA THR A 95 17.71 -0.65 13.08
C THR A 95 16.28 -0.39 13.60
N GLY A 96 15.44 0.11 12.69
CA GLY A 96 14.10 0.55 13.00
C GLY A 96 13.74 1.71 12.08
N PHE A 97 12.72 2.49 12.47
CA PHE A 97 12.21 3.55 11.61
C PHE A 97 12.14 4.88 12.36
N ALA A 98 12.35 5.98 11.63
CA ALA A 98 12.34 7.32 12.19
C ALA A 98 11.23 8.13 11.53
N PRO A 99 10.59 9.07 12.26
CA PRO A 99 9.52 9.90 11.70
C PRO A 99 9.96 10.66 10.45
N PHE A 100 9.09 10.71 9.43
CA PHE A 100 9.44 11.34 8.16
C PHE A 100 8.43 12.42 7.76
N SER A 101 7.13 12.15 7.93
CA SER A 101 6.10 13.08 7.46
C SER A 101 4.77 12.78 8.15
N LYS A 102 3.93 13.80 8.27
CA LYS A 102 2.55 13.66 8.69
C LYS A 102 1.75 14.84 8.11
N ASP A 103 0.51 14.60 7.67
CA ASP A 103 -0.17 15.69 6.98
C ASP A 103 -1.29 16.32 7.79
N ASN A 104 -1.81 15.61 8.81
CA ASN A 104 -2.77 16.18 9.75
C ASN A 104 -4.04 16.66 9.04
N SER A 105 -4.42 15.98 7.95
CA SER A 105 -5.40 16.56 7.06
C SER A 105 -6.82 16.60 7.63
N ILE A 106 -7.14 15.70 8.57
CA ILE A 106 -8.49 15.69 9.15
C ILE A 106 -8.68 16.93 10.04
N ARG A 107 -7.69 17.21 10.89
CA ARG A 107 -7.71 18.40 11.72
C ARG A 107 -7.86 19.65 10.85
N LEU A 108 -7.11 19.73 9.75
CA LEU A 108 -7.16 20.90 8.88
C LEU A 108 -8.52 21.01 8.19
N SER A 109 -9.16 19.86 7.91
CA SER A 109 -10.44 19.78 7.23
C SER A 109 -11.52 20.54 7.99
N ALA A 110 -11.33 20.71 9.30
CA ALA A 110 -12.32 21.37 10.15
C ALA A 110 -12.20 22.89 10.04
N GLY A 111 -11.20 23.37 9.30
CA GLY A 111 -10.98 24.81 9.16
C GLY A 111 -10.26 25.12 7.86
N GLY A 112 -10.85 24.65 6.75
CA GLY A 112 -10.22 24.74 5.44
C GLY A 112 -10.84 23.73 4.48
N ASP A 113 -10.63 23.95 3.18
CA ASP A 113 -11.21 23.11 2.17
C ASP A 113 -10.21 22.01 1.80
N ILE A 114 -10.49 20.79 2.27
CA ILE A 114 -9.57 19.66 2.13
C ILE A 114 -10.34 18.49 1.51
N TRP A 115 -9.70 17.81 0.55
CA TRP A 115 -10.30 16.67 -0.14
C TRP A 115 -10.66 15.56 0.85
N VAL A 116 -11.77 14.87 0.57
CA VAL A 116 -12.06 13.58 1.18
C VAL A 116 -11.30 12.51 0.41
N THR A 117 -10.59 11.64 1.13
CA THR A 117 -9.74 10.63 0.50
C THR A 117 -9.89 9.26 1.20
N ARG A 118 -9.30 8.23 0.58
CA ARG A 118 -8.86 6.99 1.23
C ARG A 118 -7.81 6.36 0.32
N GLU A 119 -7.23 5.24 0.76
CA GLU A 119 -6.24 4.50 -0.02
C GLU A 119 -5.07 5.42 -0.42
N PRO A 120 -4.37 6.07 0.54
CA PRO A 120 -3.25 6.96 0.20
C PRO A 120 -1.99 6.14 -0.05
N TYR A 121 -0.96 6.77 -0.64
CA TYR A 121 0.35 6.15 -0.69
C TYR A 121 1.44 7.19 -0.97
N VAL A 122 2.70 6.75 -0.95
CA VAL A 122 3.82 7.65 -1.16
C VAL A 122 4.71 7.01 -2.22
N SER A 123 5.21 7.85 -3.14
CA SER A 123 6.20 7.44 -4.13
C SER A 123 7.08 8.65 -4.41
N CYS A 124 8.35 8.41 -4.73
CA CYS A 124 9.28 9.51 -4.88
C CYS A 124 9.95 9.41 -6.25
N ASP A 125 10.13 10.57 -6.89
CA ASP A 125 11.02 10.68 -8.04
C ASP A 125 12.45 10.75 -7.51
N PRO A 126 13.49 10.74 -8.39
CA PRO A 126 14.88 10.80 -7.92
C PRO A 126 15.22 11.96 -6.98
N GLY A 127 14.43 13.03 -7.00
CA GLY A 127 14.71 14.19 -6.15
C GLY A 127 13.85 14.27 -4.89
N LYS A 128 12.54 14.03 -5.02
CA LYS A 128 11.63 14.30 -3.93
C LYS A 128 10.42 13.37 -3.94
N CYS A 129 9.73 13.35 -2.79
CA CYS A 129 8.62 12.43 -2.55
C CYS A 129 7.29 13.14 -2.77
N TYR A 130 6.30 12.34 -3.21
CA TYR A 130 4.93 12.80 -3.37
C TYR A 130 3.99 11.93 -2.57
N GLN A 131 2.90 12.54 -2.07
CA GLN A 131 1.82 11.77 -1.50
C GLN A 131 0.67 11.70 -2.50
N PHE A 132 -0.02 10.54 -2.49
CA PHE A 132 -1.09 10.22 -3.41
C PHE A 132 -2.29 9.73 -2.59
N ALA A 133 -3.50 9.88 -3.13
CA ALA A 133 -4.70 9.27 -2.55
C ALA A 133 -5.83 9.26 -3.56
N LEU A 134 -6.80 8.38 -3.33
CA LEU A 134 -8.01 8.38 -4.12
C LEU A 134 -9.00 9.38 -3.52
N GLY A 135 -9.25 10.47 -4.26
CA GLY A 135 -10.26 11.45 -3.85
C GLY A 135 -11.66 10.85 -3.90
N GLN A 136 -12.62 11.50 -3.25
CA GLN A 136 -14.02 11.12 -3.39
C GLN A 136 -14.78 12.21 -4.17
N GLY A 137 -14.05 13.04 -4.91
CA GLY A 137 -14.68 14.08 -5.73
C GLY A 137 -15.41 15.13 -4.91
N THR A 138 -14.94 15.37 -3.68
CA THR A 138 -15.54 16.34 -2.77
C THR A 138 -14.52 16.72 -1.70
N THR A 139 -14.70 17.90 -1.11
CA THR A 139 -14.01 18.25 0.11
C THR A 139 -14.85 17.75 1.29
N LEU A 140 -14.26 17.81 2.50
CA LEU A 140 -14.89 17.23 3.67
C LEU A 140 -16.03 18.12 4.15
N ASN A 141 -15.76 19.42 4.27
CA ASN A 141 -16.78 20.38 4.68
C ASN A 141 -17.61 20.78 3.47
N ASN A 142 -18.57 19.92 3.12
CA ASN A 142 -19.23 19.90 1.83
C ASN A 142 -20.34 18.86 1.94
N ARG A 143 -21.55 19.19 1.44
CA ARG A 143 -22.68 18.29 1.56
C ARG A 143 -22.45 16.99 0.78
N HIS A 144 -21.52 17.02 -0.17
CA HIS A 144 -21.23 15.85 -1.00
C HIS A 144 -20.38 14.82 -0.25
N SER A 145 -19.91 15.16 0.96
CA SER A 145 -19.07 14.25 1.73
C SER A 145 -19.89 13.16 2.43
N ASN A 146 -21.22 13.34 2.49
CA ASN A 146 -22.12 12.36 3.09
C ASN A 146 -21.97 11.01 2.38
N ASP A 147 -21.78 9.95 3.17
CA ASP A 147 -21.79 8.56 2.70
C ASP A 147 -20.63 8.30 1.75
N THR A 148 -19.45 8.83 2.08
CA THR A 148 -18.25 8.61 1.27
C THR A 148 -17.53 7.33 1.70
N VAL A 149 -18.25 6.46 2.44
CA VAL A 149 -17.70 5.17 2.81
C VAL A 149 -17.54 4.26 1.58
N HIS A 150 -18.29 4.51 0.49
CA HIS A 150 -18.32 3.58 -0.64
C HIS A 150 -16.98 3.58 -1.37
N ASP A 151 -16.60 2.43 -1.92
CA ASP A 151 -15.27 2.26 -2.49
C ASP A 151 -15.15 2.78 -3.91
N ARG A 152 -16.23 2.71 -4.70
CA ARG A 152 -16.10 2.93 -6.15
C ARG A 152 -17.21 3.85 -6.65
N THR A 153 -16.82 5.01 -7.20
CA THR A 153 -17.73 5.95 -7.86
C THR A 153 -17.00 6.57 -9.06
N PRO A 154 -17.74 7.14 -10.04
CA PRO A 154 -17.09 7.77 -11.20
C PRO A 154 -16.43 9.10 -10.85
N TYR A 155 -16.55 9.55 -9.60
CA TYR A 155 -16.02 10.84 -9.16
C TYR A 155 -14.66 10.70 -8.47
N ARG A 156 -14.23 9.46 -8.22
CA ARG A 156 -12.96 9.22 -7.57
C ARG A 156 -11.85 9.46 -8.58
N THR A 157 -10.83 10.20 -8.15
CA THR A 157 -9.66 10.51 -8.96
C THR A 157 -8.41 10.36 -8.11
N LEU A 158 -7.26 10.16 -8.77
CA LEU A 158 -6.01 10.04 -8.04
C LEU A 158 -5.44 11.45 -7.85
N LEU A 159 -5.21 11.81 -6.58
CA LEU A 159 -4.59 13.07 -6.18
C LEU A 159 -3.10 12.87 -6.03
N MET A 160 -2.31 13.92 -6.35
CA MET A 160 -0.87 13.88 -6.26
C MET A 160 -0.34 15.26 -5.84
N ASN A 161 0.28 15.33 -4.65
CA ASN A 161 0.95 16.52 -4.13
C ASN A 161 2.36 16.12 -3.69
N GLU A 162 3.25 17.10 -3.56
CA GLU A 162 4.51 16.88 -2.86
C GLU A 162 4.18 16.41 -1.44
N LEU A 163 5.00 15.49 -0.93
CA LEU A 163 4.77 14.91 0.37
C LEU A 163 4.77 16.02 1.43
N GLY A 164 3.72 16.05 2.26
CA GLY A 164 3.61 17.04 3.32
C GLY A 164 2.68 18.19 2.94
N VAL A 165 2.34 18.31 1.65
CA VAL A 165 1.35 19.28 1.23
C VAL A 165 -0.01 18.60 1.30
N PRO A 166 -0.92 19.06 2.19
CA PRO A 166 -2.23 18.41 2.32
C PRO A 166 -3.06 18.63 1.06
N PHE A 167 -4.06 17.77 0.88
CA PHE A 167 -4.88 17.80 -0.33
C PHE A 167 -5.86 18.97 -0.28
N HIS A 168 -5.35 20.16 -0.59
CA HIS A 168 -6.09 21.41 -0.72
C HIS A 168 -6.69 21.49 -2.14
N LEU A 169 -7.44 22.57 -2.43
CA LEU A 169 -8.22 22.68 -3.65
C LEU A 169 -7.34 22.88 -4.89
N GLY A 170 -6.05 23.18 -4.68
CA GLY A 170 -5.12 23.34 -5.79
C GLY A 170 -4.42 22.03 -6.13
N THR A 171 -4.82 20.93 -5.48
CA THR A 171 -4.26 19.61 -5.73
C THR A 171 -4.65 19.13 -7.14
N LYS A 172 -3.67 18.57 -7.85
CA LYS A 172 -3.88 17.99 -9.17
C LYS A 172 -4.50 16.60 -9.05
N GLN A 173 -5.57 16.38 -9.83
CA GLN A 173 -6.17 15.08 -10.07
C GLN A 173 -5.51 14.51 -11.32
N VAL A 174 -4.66 13.48 -11.17
CA VAL A 174 -3.82 13.04 -12.29
C VAL A 174 -4.53 12.03 -13.19
N CYS A 175 -5.61 11.42 -12.71
CA CYS A 175 -6.41 10.54 -13.55
C CYS A 175 -7.70 10.16 -12.81
N ILE A 176 -8.63 9.55 -13.54
CA ILE A 176 -9.86 9.04 -12.97
C ILE A 176 -9.56 7.66 -12.39
N ALA A 177 -9.85 7.47 -11.10
CA ALA A 177 -9.44 6.21 -10.50
C ALA A 177 -10.23 5.90 -9.22
N TRP A 178 -10.67 4.65 -9.11
CA TRP A 178 -11.04 4.12 -7.79
C TRP A 178 -10.09 3.00 -7.36
N SER A 179 -9.00 2.83 -8.12
CA SER A 179 -7.89 1.95 -7.75
C SER A 179 -6.69 2.43 -8.53
N SER A 180 -5.51 2.52 -7.90
CA SER A 180 -4.37 3.09 -8.60
C SER A 180 -3.04 2.52 -8.13
N SER A 181 -2.01 2.78 -8.94
CA SER A 181 -0.60 2.57 -8.62
C SER A 181 0.19 3.59 -9.43
N SER A 182 1.26 4.16 -8.83
CA SER A 182 2.12 5.14 -9.51
C SER A 182 3.58 4.83 -9.22
N CYS A 183 4.46 5.18 -10.17
CA CYS A 183 5.89 5.02 -9.95
C CYS A 183 6.65 5.83 -11.00
N HIS A 184 7.90 6.18 -10.66
CA HIS A 184 8.76 6.97 -11.52
C HIS A 184 9.91 6.08 -11.97
N ASP A 185 10.20 6.07 -13.28
CA ASP A 185 11.17 5.14 -13.83
C ASP A 185 12.56 5.77 -13.89
N GLY A 186 12.68 7.00 -13.36
CA GLY A 186 13.93 7.75 -13.46
C GLY A 186 13.80 8.91 -14.44
N LYS A 187 12.92 8.74 -15.43
CA LYS A 187 12.69 9.74 -16.46
C LYS A 187 11.32 10.38 -16.27
N ALA A 188 10.28 9.58 -15.98
CA ALA A 188 8.94 10.12 -15.92
C ALA A 188 8.06 9.25 -15.02
N TRP A 189 6.90 9.82 -14.67
CA TRP A 189 5.86 9.18 -13.89
C TRP A 189 4.97 8.30 -14.75
N LEU A 190 4.73 7.08 -14.25
CA LEU A 190 3.67 6.20 -14.72
C LEU A 190 2.51 6.23 -13.71
N HIS A 191 1.29 6.41 -14.20
CA HIS A 191 0.12 6.19 -13.37
C HIS A 191 -0.72 5.06 -13.98
N VAL A 192 -1.17 4.14 -13.13
CA VAL A 192 -2.11 3.09 -13.50
C VAL A 192 -3.42 3.37 -12.77
N CYS A 193 -4.50 3.56 -13.53
CA CYS A 193 -5.73 4.08 -12.96
C CYS A 193 -6.93 3.29 -13.48
N VAL A 194 -7.75 2.79 -12.54
CA VAL A 194 -8.87 1.91 -12.85
C VAL A 194 -10.16 2.61 -12.48
N THR A 195 -11.11 2.64 -13.43
CA THR A 195 -12.41 3.27 -13.20
C THR A 195 -13.47 2.58 -14.06
N GLY A 196 -14.74 2.95 -13.84
CA GLY A 196 -15.82 2.39 -14.64
C GLY A 196 -16.63 1.36 -13.87
N HIS A 197 -17.47 0.62 -14.61
CA HIS A 197 -18.39 -0.35 -14.06
C HIS A 197 -17.63 -1.46 -13.36
N ASP A 198 -18.20 -1.94 -12.24
CA ASP A 198 -17.64 -3.05 -11.50
C ASP A 198 -17.35 -4.23 -12.42
N GLU A 199 -18.32 -4.50 -13.32
CA GLU A 199 -18.34 -5.71 -14.12
C GLU A 199 -17.54 -5.53 -15.41
N ASN A 200 -16.99 -4.32 -15.64
CA ASN A 200 -16.35 -4.06 -16.93
C ASN A 200 -15.49 -2.78 -16.84
N ALA A 201 -14.51 -2.80 -15.93
CA ALA A 201 -13.70 -1.63 -15.63
C ALA A 201 -12.62 -1.44 -16.69
N THR A 202 -12.02 -0.24 -16.72
CA THR A 202 -10.92 0.05 -17.61
C THR A 202 -9.74 0.55 -16.78
N ALA A 203 -8.54 0.06 -17.09
CA ALA A 203 -7.31 0.59 -16.54
C ALA A 203 -6.57 1.39 -17.61
N SER A 204 -6.30 2.67 -17.30
CA SER A 204 -5.53 3.55 -18.16
C SER A 204 -4.08 3.58 -17.70
N PHE A 205 -3.15 3.62 -18.66
CA PHE A 205 -1.73 3.73 -18.39
C PHE A 205 -1.25 5.08 -18.90
N ILE A 206 -0.86 5.94 -17.95
CA ILE A 206 -0.51 7.32 -18.25
C ILE A 206 0.97 7.50 -17.91
N TYR A 207 1.76 7.89 -18.91
CA TYR A 207 3.19 8.01 -18.72
C TYR A 207 3.65 9.34 -19.30
N ASP A 208 4.45 10.09 -18.53
CA ASP A 208 4.99 11.37 -18.96
C ASP A 208 3.87 12.27 -19.46
N GLY A 209 2.73 12.24 -18.76
CA GLY A 209 1.64 13.17 -18.98
C GLY A 209 0.72 12.81 -20.16
N ARG A 210 0.81 11.58 -20.69
CA ARG A 210 -0.04 11.20 -21.82
C ARG A 210 -0.50 9.75 -21.66
N LEU A 211 -1.68 9.47 -22.23
CA LEU A 211 -2.23 8.13 -22.17
C LEU A 211 -1.53 7.27 -23.22
N VAL A 212 -0.92 6.16 -22.78
CA VAL A 212 -0.12 5.35 -23.68
C VAL A 212 -0.82 4.02 -23.92
N ASP A 213 -1.57 3.52 -22.93
CA ASP A 213 -2.16 2.20 -23.10
C ASP A 213 -3.41 2.10 -22.24
N SER A 214 -4.19 1.04 -22.48
CA SER A 214 -5.31 0.69 -21.62
C SER A 214 -5.61 -0.79 -21.72
N ILE A 215 -6.30 -1.33 -20.71
CA ILE A 215 -6.76 -2.71 -20.76
C ILE A 215 -8.14 -2.78 -20.07
N GLY A 216 -9.03 -3.56 -20.67
CA GLY A 216 -10.32 -3.84 -20.07
C GLY A 216 -10.22 -5.02 -19.09
N SER A 217 -11.20 -5.06 -18.18
CA SER A 217 -11.37 -6.11 -17.19
C SER A 217 -11.34 -7.49 -17.87
N TRP A 218 -10.53 -8.43 -17.33
CA TRP A 218 -10.42 -9.76 -17.90
C TRP A 218 -11.41 -10.73 -17.27
N SER A 219 -11.81 -10.46 -16.03
CA SER A 219 -12.65 -11.42 -15.32
C SER A 219 -14.00 -10.81 -14.94
N LYS A 220 -14.19 -9.53 -15.30
CA LYS A 220 -15.48 -8.88 -15.20
C LYS A 220 -15.95 -8.81 -13.75
N ASN A 221 -15.02 -8.62 -12.80
CA ASN A 221 -15.37 -8.54 -11.38
C ASN A 221 -14.35 -7.67 -10.64
N ILE A 222 -14.46 -6.34 -10.83
CA ILE A 222 -13.70 -5.32 -10.10
C ILE A 222 -12.20 -5.49 -10.33
N LEU A 223 -11.75 -5.19 -11.56
CA LEU A 223 -10.32 -5.10 -11.84
C LEU A 223 -9.72 -4.10 -10.85
N ARG A 224 -8.56 -4.43 -10.26
CA ARG A 224 -8.03 -3.62 -9.16
C ARG A 224 -6.51 -3.80 -9.06
N THR A 225 -5.83 -2.88 -8.36
CA THR A 225 -4.38 -2.88 -8.31
C THR A 225 -3.86 -2.57 -6.91
N GLN A 226 -2.63 -2.05 -6.81
CA GLN A 226 -1.85 -2.11 -5.59
C GLN A 226 -2.30 -1.13 -4.49
N GLU A 227 -2.73 0.07 -4.87
CA GLU A 227 -2.93 1.21 -3.95
C GLU A 227 -1.62 1.62 -3.27
N SER A 228 -0.48 1.38 -3.94
CA SER A 228 0.83 1.86 -3.53
C SER A 228 1.74 1.85 -4.75
N GLU A 229 3.03 2.19 -4.56
CA GLU A 229 3.93 2.42 -5.68
C GLU A 229 4.22 1.15 -6.48
N CYS A 230 4.27 1.29 -7.81
CA CYS A 230 4.85 0.27 -8.66
C CYS A 230 6.37 0.43 -8.64
N VAL A 231 7.09 -0.39 -9.40
CA VAL A 231 8.54 -0.41 -9.31
C VAL A 231 9.09 -0.58 -10.73
N CYS A 232 10.13 0.18 -11.05
CA CYS A 232 10.68 0.14 -12.40
C CYS A 232 12.17 -0.17 -12.30
N ILE A 233 12.64 -1.05 -13.19
CA ILE A 233 14.06 -1.34 -13.30
C ILE A 233 14.45 -1.27 -14.77
N ASN A 234 15.45 -0.44 -15.06
CA ASN A 234 15.96 -0.24 -16.41
C ASN A 234 14.80 0.06 -17.38
N GLY A 235 13.78 0.76 -16.89
CA GLY A 235 12.74 1.27 -17.77
C GLY A 235 11.55 0.33 -17.93
N THR A 236 11.62 -0.86 -17.32
CA THR A 236 10.50 -1.76 -17.24
C THR A 236 9.84 -1.62 -15.87
N CYS A 237 8.58 -1.18 -15.86
CA CYS A 237 7.81 -1.00 -14.64
C CYS A 237 6.86 -2.19 -14.47
N THR A 238 6.73 -2.68 -13.22
CA THR A 238 5.88 -3.82 -12.94
C THR A 238 4.74 -3.38 -12.02
N VAL A 239 3.56 -3.95 -12.25
CA VAL A 239 2.41 -3.63 -11.44
C VAL A 239 1.54 -4.88 -11.35
N VAL A 240 1.01 -5.12 -10.15
CA VAL A 240 0.24 -6.32 -9.86
C VAL A 240 -1.22 -5.91 -9.83
N MET A 241 -2.04 -6.65 -10.59
CA MET A 241 -3.47 -6.38 -10.68
C MET A 241 -4.23 -7.68 -10.49
N THR A 242 -5.46 -7.56 -9.95
CA THR A 242 -6.34 -8.68 -9.72
C THR A 242 -7.72 -8.36 -10.27
N ASP A 243 -8.41 -9.39 -10.79
CA ASP A 243 -9.79 -9.30 -11.24
C ASP A 243 -10.47 -10.60 -10.81
N GLY A 244 -11.68 -10.50 -10.24
CA GLY A 244 -12.34 -11.69 -9.77
C GLY A 244 -12.72 -11.59 -8.29
N SER A 245 -13.01 -12.75 -7.70
CA SER A 245 -13.65 -12.81 -6.39
C SER A 245 -12.75 -12.24 -5.29
N ALA A 246 -13.39 -11.63 -4.29
CA ALA A 246 -12.72 -11.19 -3.07
C ALA A 246 -12.70 -12.31 -2.03
N SER A 247 -13.41 -13.42 -2.31
CA SER A 247 -13.63 -14.44 -1.31
C SER A 247 -13.49 -15.84 -1.88
N GLU A 248 -12.74 -15.95 -2.99
CA GLU A 248 -12.45 -17.22 -3.63
C GLU A 248 -11.31 -17.00 -4.61
N ARG A 249 -10.95 -18.05 -5.36
CA ARG A 249 -9.89 -17.97 -6.34
C ARG A 249 -10.18 -16.85 -7.36
N ALA A 250 -9.16 -16.02 -7.64
CA ALA A 250 -9.27 -14.88 -8.53
C ALA A 250 -8.14 -14.92 -9.57
N ASP A 251 -8.16 -13.96 -10.51
CA ASP A 251 -7.20 -13.94 -11.61
C ASP A 251 -6.27 -12.74 -11.44
N THR A 252 -5.10 -13.02 -10.85
CA THR A 252 -4.08 -12.00 -10.64
C THR A 252 -3.10 -12.06 -11.80
N LYS A 253 -2.67 -10.87 -12.27
CA LYS A 253 -1.71 -10.77 -13.35
C LYS A 253 -0.69 -9.68 -13.03
N ILE A 254 0.53 -9.86 -13.54
CA ILE A 254 1.60 -8.90 -13.34
C ILE A 254 1.91 -8.30 -14.71
N LEU A 255 1.73 -6.98 -14.82
CA LEU A 255 1.96 -6.28 -16.08
C LEU A 255 3.36 -5.68 -16.08
N PHE A 256 4.01 -5.79 -17.23
CA PHE A 256 5.31 -5.19 -17.49
C PHE A 256 5.11 -4.04 -18.48
N ILE A 257 5.53 -2.84 -18.08
CA ILE A 257 5.16 -1.60 -18.77
C ILE A 257 6.41 -0.80 -19.09
N GLU A 258 6.57 -0.43 -20.37
CA GLU A 258 7.71 0.33 -20.83
C GLU A 258 7.24 1.64 -21.47
N GLU A 259 7.57 2.75 -20.81
CA GLU A 259 7.15 4.09 -21.22
C GLU A 259 5.64 4.11 -21.43
N GLY A 260 4.90 3.45 -20.51
CA GLY A 260 3.44 3.49 -20.49
C GLY A 260 2.80 2.39 -21.32
N LYS A 261 3.59 1.67 -22.11
CA LYS A 261 3.08 0.63 -23.00
C LYS A 261 3.25 -0.74 -22.36
N ILE A 262 2.14 -1.50 -22.27
CA ILE A 262 2.16 -2.87 -21.80
C ILE A 262 2.92 -3.74 -22.81
N VAL A 263 4.04 -4.31 -22.38
CA VAL A 263 4.85 -5.13 -23.27
C VAL A 263 4.68 -6.62 -22.95
N HIS A 264 4.21 -6.94 -21.73
CA HIS A 264 4.02 -8.33 -21.34
C HIS A 264 3.09 -8.40 -20.12
N ILE A 265 2.28 -9.46 -20.06
CA ILE A 265 1.45 -9.74 -18.89
C ILE A 265 1.67 -11.20 -18.47
N SER A 266 2.13 -11.39 -17.22
CA SER A 266 2.34 -12.71 -16.66
C SER A 266 1.26 -13.01 -15.64
N PRO A 267 0.47 -14.11 -15.81
CA PRO A 267 -0.45 -14.54 -14.76
C PRO A 267 0.34 -14.89 -13.49
N LEU A 268 -0.31 -14.69 -12.33
CA LEU A 268 0.22 -15.20 -11.07
C LEU A 268 0.47 -16.69 -11.19
N SER A 269 1.60 -17.13 -10.61
CA SER A 269 1.95 -18.53 -10.44
C SER A 269 2.50 -18.70 -9.02
N GLY A 270 2.62 -19.97 -8.57
CA GLY A 270 3.13 -20.28 -7.25
C GLY A 270 2.01 -20.56 -6.25
N SER A 271 2.33 -20.52 -4.95
CA SER A 271 1.45 -21.10 -3.96
C SER A 271 0.57 -20.07 -3.23
N ALA A 272 0.73 -18.78 -3.54
CA ALA A 272 -0.20 -17.80 -3.00
C ALA A 272 -1.59 -18.06 -3.60
N GLN A 273 -2.62 -18.10 -2.76
CA GLN A 273 -3.93 -18.54 -3.23
C GLN A 273 -4.89 -17.38 -3.46
N HIS A 274 -4.54 -16.21 -2.93
CA HIS A 274 -5.31 -14.99 -3.12
C HIS A 274 -4.36 -13.82 -2.93
N VAL A 275 -4.35 -12.87 -3.89
CA VAL A 275 -3.38 -11.80 -3.92
C VAL A 275 -4.07 -10.49 -4.30
N GLU A 276 -3.99 -9.52 -3.38
CA GLU A 276 -4.55 -8.18 -3.58
C GLU A 276 -3.58 -7.16 -3.00
N GLU A 277 -3.66 -5.93 -3.52
CA GLU A 277 -3.08 -4.75 -2.89
C GLU A 277 -1.62 -4.97 -2.52
N CYS A 278 -0.81 -5.34 -3.51
CA CYS A 278 0.57 -5.69 -3.25
C CYS A 278 1.38 -4.45 -2.88
N SER A 279 2.21 -4.58 -1.85
CA SER A 279 3.24 -3.61 -1.50
C SER A 279 4.57 -4.14 -2.03
N CYS A 280 5.08 -3.51 -3.09
CA CYS A 280 6.21 -4.04 -3.83
C CYS A 280 7.42 -3.13 -3.64
N TYR A 281 8.61 -3.74 -3.74
CA TYR A 281 9.82 -2.96 -3.63
C TYR A 281 10.88 -3.55 -4.55
N PRO A 282 11.83 -2.72 -5.03
CA PRO A 282 12.96 -3.22 -5.81
C PRO A 282 13.90 -4.04 -4.94
N ARG A 283 14.25 -5.23 -5.44
CA ARG A 283 15.25 -6.08 -4.83
C ARG A 283 16.10 -6.61 -5.98
N TYR A 284 16.97 -5.72 -6.49
CA TYR A 284 17.74 -5.98 -7.70
C TYR A 284 18.26 -7.41 -7.68
N PRO A 285 18.16 -8.19 -8.78
CA PRO A 285 17.71 -7.71 -10.10
C PRO A 285 16.20 -7.75 -10.39
N GLY A 286 15.39 -7.96 -9.35
CA GLY A 286 13.96 -8.14 -9.57
C GLY A 286 13.12 -7.28 -8.63
N VAL A 287 11.83 -7.64 -8.52
CA VAL A 287 10.88 -6.91 -7.70
C VAL A 287 10.23 -7.91 -6.74
N ARG A 288 10.04 -7.49 -5.48
CA ARG A 288 9.43 -8.36 -4.48
C ARG A 288 8.23 -7.63 -3.88
N CYS A 289 7.14 -8.37 -3.66
CA CYS A 289 5.90 -7.77 -3.18
C CYS A 289 5.40 -8.59 -1.99
N VAL A 290 4.76 -7.90 -1.04
CA VAL A 290 4.07 -8.54 0.05
C VAL A 290 2.65 -7.99 0.03
N CYS A 291 1.65 -8.88 0.10
CA CYS A 291 0.32 -8.53 -0.38
C CYS A 291 -0.73 -8.88 0.66
N ARG A 292 -2.01 -8.83 0.25
CA ARG A 292 -3.15 -9.13 1.10
C ARG A 292 -3.86 -10.36 0.55
N ASP A 293 -4.02 -11.40 1.38
CA ASP A 293 -4.85 -12.55 1.08
C ASP A 293 -6.21 -12.28 1.72
N ASN A 294 -7.24 -12.13 0.89
CA ASN A 294 -8.56 -11.73 1.36
C ASN A 294 -9.45 -12.94 1.63
N TRP A 295 -8.91 -14.13 1.38
CA TRP A 295 -9.73 -15.33 1.30
C TRP A 295 -9.47 -16.26 2.48
N LYS A 296 -8.33 -16.97 2.48
CA LYS A 296 -8.08 -17.97 3.53
C LYS A 296 -6.88 -17.63 4.42
N GLY A 297 -6.16 -16.54 4.11
CA GLY A 297 -4.91 -16.27 4.82
C GLY A 297 -4.94 -15.01 5.69
N SER A 298 -4.46 -15.14 6.93
CA SER A 298 -4.06 -13.98 7.74
C SER A 298 -2.55 -13.82 7.71
N ASN A 299 -1.85 -14.77 7.10
CA ASN A 299 -0.47 -14.59 6.70
C ASN A 299 -0.44 -13.88 5.34
N ARG A 300 0.61 -13.10 5.09
CA ARG A 300 0.65 -12.25 3.91
C ARG A 300 1.35 -12.98 2.76
N PRO A 301 0.76 -13.00 1.55
CA PRO A 301 1.44 -13.54 0.38
C PRO A 301 2.68 -12.75 0.00
N ILE A 302 3.65 -13.45 -0.60
CA ILE A 302 4.80 -12.85 -1.27
C ILE A 302 4.67 -13.18 -2.76
N VAL A 303 4.95 -12.18 -3.62
CA VAL A 303 5.08 -12.43 -5.04
C VAL A 303 6.44 -11.90 -5.50
N ASP A 304 7.23 -12.76 -6.15
CA ASP A 304 8.51 -12.36 -6.73
C ASP A 304 8.38 -12.28 -8.25
N ILE A 305 8.93 -11.19 -8.80
CA ILE A 305 8.78 -10.84 -10.20
C ILE A 305 10.17 -10.71 -10.82
N ASN A 306 10.43 -11.53 -11.85
CA ASN A 306 11.65 -11.45 -12.63
C ASN A 306 11.38 -10.60 -13.88
N VAL A 307 12.07 -9.45 -13.99
CA VAL A 307 11.79 -8.49 -15.03
C VAL A 307 12.53 -8.87 -16.32
N LYS A 308 13.39 -9.89 -16.28
CA LYS A 308 14.12 -10.29 -17.48
C LYS A 308 13.41 -11.44 -18.20
N ASP A 309 12.98 -12.45 -17.45
CA ASP A 309 12.33 -13.60 -18.06
C ASP A 309 10.83 -13.64 -17.76
N TYR A 310 10.34 -12.66 -16.99
CA TYR A 310 8.91 -12.47 -16.75
C TYR A 310 8.31 -13.58 -15.88
N SER A 311 9.15 -14.40 -15.26
CA SER A 311 8.61 -15.48 -14.43
C SER A 311 8.10 -14.91 -13.10
N ILE A 312 7.02 -15.51 -12.60
CA ILE A 312 6.40 -15.16 -11.34
C ILE A 312 6.48 -16.38 -10.41
N VAL A 313 6.86 -16.15 -9.15
CA VAL A 313 6.75 -17.17 -8.12
C VAL A 313 6.03 -16.55 -6.93
N SER A 314 5.42 -17.37 -6.08
CA SER A 314 4.71 -16.82 -4.94
C SER A 314 4.64 -17.82 -3.80
N SER A 315 4.48 -17.29 -2.58
CA SER A 315 4.38 -18.06 -1.36
C SER A 315 3.82 -17.16 -0.28
N TYR A 316 4.17 -17.41 1.00
CA TYR A 316 3.70 -16.58 2.10
C TYR A 316 4.88 -16.22 3.00
N VAL A 317 4.79 -15.07 3.69
CA VAL A 317 5.78 -14.64 4.66
C VAL A 317 5.89 -15.72 5.75
N CYS A 318 7.13 -16.15 6.04
CA CYS A 318 7.38 -17.26 6.96
C CYS A 318 6.92 -16.97 8.40
N SER A 319 7.05 -15.70 8.82
CA SER A 319 6.84 -15.27 10.19
C SER A 319 5.53 -15.83 10.78
N GLY A 320 5.63 -16.40 11.99
CA GLY A 320 4.46 -16.89 12.71
C GLY A 320 3.68 -15.77 13.40
N LEU A 321 4.33 -14.61 13.55
CA LEU A 321 3.63 -13.36 13.83
C LEU A 321 3.19 -12.80 12.50
N VAL A 322 1.88 -12.88 12.24
CA VAL A 322 1.32 -12.66 10.92
C VAL A 322 0.89 -11.19 10.80
N GLY A 323 0.69 -10.72 9.56
CA GLY A 323 0.68 -9.29 9.29
C GLY A 323 -0.71 -8.73 8.94
N ASP A 324 -1.68 -9.61 8.71
CA ASP A 324 -2.99 -9.22 8.22
C ASP A 324 -3.90 -8.90 9.41
N THR A 325 -5.03 -8.25 9.10
CA THR A 325 -6.10 -8.02 10.04
C THR A 325 -7.39 -8.34 9.28
N PRO A 326 -8.28 -9.24 9.77
CA PRO A 326 -8.10 -9.93 11.06
C PRO A 326 -7.05 -11.03 11.08
N ARG A 327 -6.71 -11.48 12.29
CA ARG A 327 -5.79 -12.58 12.54
C ARG A 327 -6.06 -13.16 13.92
N LYS A 328 -5.47 -14.32 14.23
CA LYS A 328 -5.52 -14.85 15.58
C LYS A 328 -4.49 -14.13 16.46
N ASN A 329 -4.49 -14.43 17.76
CA ASN A 329 -3.55 -13.86 18.69
C ASN A 329 -2.15 -14.42 18.43
N ASP A 330 -1.15 -13.86 19.10
CA ASP A 330 0.25 -14.11 18.76
C ASP A 330 0.65 -15.54 19.13
N SER A 331 -0.06 -16.13 20.09
CA SER A 331 0.28 -17.48 20.48
C SER A 331 -0.39 -18.51 19.57
N SER A 332 -1.57 -18.18 19.03
CA SER A 332 -2.35 -19.13 18.24
C SER A 332 -2.02 -19.03 16.75
N SER A 333 -1.45 -17.89 16.31
CA SER A 333 -1.24 -17.63 14.89
C SER A 333 -0.15 -18.58 14.37
N SER A 334 -0.14 -18.81 13.04
CA SER A 334 0.91 -19.61 12.42
C SER A 334 1.13 -19.21 10.97
N SER A 335 2.33 -19.54 10.46
CA SER A 335 2.56 -19.55 9.03
C SER A 335 3.71 -20.49 8.75
N TYR A 336 3.58 -21.29 7.68
CA TYR A 336 4.66 -22.19 7.31
C TYR A 336 5.21 -21.88 5.93
N CYS A 337 5.01 -20.64 5.44
CA CYS A 337 5.76 -20.09 4.31
C CYS A 337 5.13 -20.39 2.95
N ARG A 338 4.17 -21.32 2.85
CA ARG A 338 3.76 -21.83 1.55
C ARG A 338 2.27 -21.65 1.28
N ASN A 339 1.44 -21.82 2.30
CA ASN A 339 0.01 -21.92 2.09
C ASN A 339 -0.72 -20.94 2.99
N PRO A 340 -1.94 -20.48 2.63
CA PRO A 340 -2.74 -19.63 3.53
C PRO A 340 -2.98 -20.43 4.82
N ASN A 341 -2.90 -19.73 5.96
CA ASN A 341 -2.92 -20.39 7.25
C ASN A 341 -4.35 -20.81 7.64
N ASN A 342 -5.36 -20.23 7.00
CA ASN A 342 -6.74 -20.58 7.31
C ASN A 342 -7.11 -20.17 8.73
N GLU A 343 -6.52 -19.07 9.20
CA GLU A 343 -6.78 -18.56 10.53
C GLU A 343 -7.39 -17.17 10.40
N LYS A 344 -8.70 -17.05 10.68
CA LYS A 344 -9.44 -15.83 10.43
C LYS A 344 -9.00 -15.21 9.10
N GLY A 345 -8.99 -16.03 8.05
CA GLY A 345 -8.35 -15.67 6.80
C GLY A 345 -9.16 -14.67 5.96
N SER A 346 -10.49 -14.68 6.11
CA SER A 346 -11.32 -13.85 5.26
C SER A 346 -11.18 -12.38 5.65
N HIS A 347 -11.39 -11.50 4.67
CA HIS A 347 -11.12 -10.07 4.80
C HIS A 347 -9.62 -9.86 4.95
N GLY A 348 -9.22 -8.63 5.26
CA GLY A 348 -7.81 -8.27 5.23
C GLY A 348 -7.63 -6.76 5.24
N VAL A 349 -6.36 -6.34 5.24
CA VAL A 349 -5.99 -4.95 5.12
C VAL A 349 -4.70 -4.89 4.31
N LYS A 350 -4.54 -3.86 3.48
CA LYS A 350 -3.27 -3.68 2.80
C LYS A 350 -2.17 -3.45 3.85
N GLY A 351 -1.02 -4.10 3.64
CA GLY A 351 0.12 -4.01 4.53
C GLY A 351 1.42 -4.33 3.77
N TRP A 352 2.51 -4.49 4.52
CA TRP A 352 3.84 -4.59 3.91
C TRP A 352 4.76 -5.41 4.81
N ALA A 353 5.86 -5.89 4.23
CA ALA A 353 6.98 -6.46 4.96
C ALA A 353 8.15 -6.45 3.99
N PHE A 354 9.39 -6.54 4.51
CA PHE A 354 10.55 -6.72 3.65
C PHE A 354 11.60 -7.56 4.35
N ASP A 355 12.46 -8.18 3.53
CA ASP A 355 13.45 -9.14 3.99
C ASP A 355 14.77 -8.45 4.31
N ASP A 356 15.48 -8.98 5.31
CA ASP A 356 16.89 -8.66 5.50
C ASP A 356 17.60 -9.95 5.86
N GLY A 357 18.22 -10.59 4.85
CA GLY A 357 18.76 -11.93 5.02
C GLY A 357 17.69 -12.89 5.53
N ASN A 358 17.89 -13.43 6.74
CA ASN A 358 17.00 -14.44 7.29
C ASN A 358 15.86 -13.79 8.07
N ASP A 359 15.93 -12.47 8.25
CA ASP A 359 15.02 -11.76 9.14
C ASP A 359 13.99 -11.01 8.29
N VAL A 360 12.85 -10.65 8.91
CA VAL A 360 11.85 -9.85 8.24
C VAL A 360 11.54 -8.61 9.09
N TRP A 361 11.38 -7.47 8.43
CA TRP A 361 10.75 -6.30 9.03
C TRP A 361 9.32 -6.22 8.55
N MET A 362 8.38 -5.93 9.45
CA MET A 362 6.98 -5.88 9.06
C MET A 362 6.23 -4.92 9.97
N GLY A 363 5.11 -4.39 9.45
CA GLY A 363 4.17 -3.63 10.25
C GLY A 363 2.83 -4.33 10.32
N ARG A 364 1.98 -3.93 11.27
CA ARG A 364 0.62 -4.45 11.31
C ARG A 364 -0.19 -3.60 12.28
N THR A 365 -1.51 -3.71 12.21
CA THR A 365 -2.35 -3.08 13.22
C THR A 365 -2.09 -3.75 14.57
N ILE A 366 -2.30 -3.00 15.65
CA ILE A 366 -2.13 -3.58 16.97
C ILE A 366 -3.33 -4.48 17.27
N SER A 367 -4.55 -3.98 16.99
CA SER A 367 -5.76 -4.79 17.13
C SER A 367 -5.72 -5.95 16.14
N GLU A 368 -6.20 -7.12 16.59
CA GLU A 368 -6.24 -8.30 15.75
C GLU A 368 -7.57 -8.36 14.97
N GLU A 369 -8.51 -7.48 15.32
CA GLU A 369 -9.84 -7.52 14.73
C GLU A 369 -10.11 -6.27 13.89
N LEU A 370 -9.69 -5.11 14.41
CA LEU A 370 -10.01 -3.81 13.82
C LEU A 370 -8.73 -3.14 13.29
N ARG A 371 -8.94 -2.12 12.47
CA ARG A 371 -7.87 -1.30 11.94
C ARG A 371 -7.54 -0.21 12.95
N SER A 372 -7.00 -0.64 14.10
CA SER A 372 -6.64 0.23 15.20
C SER A 372 -5.23 -0.09 15.67
N GLY A 373 -4.47 0.96 15.96
CA GLY A 373 -3.07 0.87 16.36
C GLY A 373 -2.20 0.51 15.17
N TYR A 374 -0.89 0.75 15.31
CA TYR A 374 0.06 0.32 14.29
C TYR A 374 1.42 0.13 14.94
N GLU A 375 2.02 -1.04 14.70
CA GLU A 375 3.31 -1.40 15.29
C GLU A 375 4.21 -1.94 14.18
N THR A 376 5.51 -1.76 14.34
CA THR A 376 6.52 -2.37 13.48
C THR A 376 7.49 -3.13 14.37
N PHE A 377 8.13 -4.17 13.79
CA PHE A 377 9.12 -4.95 14.50
C PHE A 377 9.91 -5.82 13.52
N LYS A 378 11.02 -6.35 14.00
CA LYS A 378 11.77 -7.36 13.28
C LYS A 378 11.48 -8.72 13.89
N VAL A 379 11.27 -9.72 13.04
CA VAL A 379 11.20 -11.11 13.47
C VAL A 379 12.50 -11.78 13.07
N ILE A 380 13.26 -12.25 14.07
CA ILE A 380 14.50 -12.95 13.85
C ILE A 380 14.16 -14.33 13.29
N GLY A 381 14.74 -14.64 12.12
CA GLY A 381 14.41 -15.84 11.36
C GLY A 381 13.07 -15.74 10.62
N GLY A 382 12.46 -14.55 10.60
CA GLY A 382 11.10 -14.40 10.10
C GLY A 382 11.00 -14.47 8.57
N TRP A 383 12.13 -14.42 7.87
CA TRP A 383 12.08 -14.59 6.43
C TRP A 383 12.30 -16.05 6.01
N SER A 384 13.17 -16.78 6.71
CA SER A 384 13.57 -18.09 6.19
C SER A 384 13.16 -19.25 7.09
N LYS A 385 12.75 -18.97 8.33
CA LYS A 385 12.42 -20.07 9.22
C LYS A 385 10.90 -20.13 9.42
N PRO A 386 10.26 -21.23 9.00
CA PRO A 386 8.80 -21.33 9.08
C PRO A 386 8.32 -21.10 10.52
N ASN A 387 7.39 -20.16 10.68
CA ASN A 387 6.60 -20.00 11.89
C ASN A 387 7.40 -19.32 13.00
N SER A 388 8.54 -18.70 12.68
CA SER A 388 9.31 -17.99 13.69
C SER A 388 8.52 -16.84 14.32
N LYS A 389 8.68 -16.66 15.64
CA LYS A 389 7.96 -15.66 16.40
C LYS A 389 8.91 -14.85 17.31
N LEU A 390 10.22 -14.89 17.03
CA LEU A 390 11.19 -14.21 17.87
C LEU A 390 11.30 -12.74 17.43
N GLN A 391 10.60 -11.86 18.14
CA GLN A 391 10.56 -10.46 17.75
C GLN A 391 11.58 -9.64 18.55
N ILE A 392 11.99 -8.52 17.93
CA ILE A 392 12.90 -7.54 18.52
C ILE A 392 12.64 -6.21 17.82
N ASN A 393 13.04 -5.11 18.48
CA ASN A 393 13.00 -3.78 17.88
C ASN A 393 11.57 -3.35 17.57
N ARG A 394 10.64 -3.63 18.49
CA ARG A 394 9.28 -3.13 18.32
C ARG A 394 9.27 -1.60 18.42
N GLN A 395 8.43 -0.97 17.59
CA GLN A 395 8.09 0.44 17.73
C GLN A 395 6.57 0.58 17.59
N VAL A 396 5.98 1.39 18.46
CA VAL A 396 4.61 1.83 18.27
C VAL A 396 4.60 3.04 17.34
N ILE A 397 3.80 2.97 16.27
CA ILE A 397 3.63 4.10 15.37
C ILE A 397 2.34 4.82 15.73
N VAL A 398 1.28 4.05 15.99
CA VAL A 398 -0.01 4.58 16.41
C VAL A 398 -0.48 3.75 17.60
N ASP A 399 -0.80 4.42 18.70
CA ASP A 399 -1.20 3.70 19.91
C ASP A 399 -2.49 2.94 19.65
N ARG A 400 -2.72 1.89 20.43
CA ARG A 400 -3.79 0.93 20.20
C ARG A 400 -5.16 1.60 20.32
N GLY A 401 -5.25 2.72 21.03
CA GLY A 401 -6.53 3.39 21.20
C GLY A 401 -6.95 4.22 19.97
N ASN A 402 -6.08 4.30 18.95
CA ASN A 402 -6.32 5.19 17.83
C ASN A 402 -6.45 4.41 16.54
N ARG A 403 -7.15 5.00 15.55
CA ARG A 403 -7.46 4.31 14.31
C ARG A 403 -6.26 4.36 13.37
N SER A 404 -6.01 3.23 12.69
CA SER A 404 -5.10 3.17 11.56
C SER A 404 -5.90 2.83 10.31
N GLY A 405 -5.35 1.97 9.45
CA GLY A 405 -5.92 1.64 8.15
C GLY A 405 -4.86 0.95 7.29
N TYR A 406 -4.87 1.28 5.99
CA TYR A 406 -3.93 0.74 5.03
C TYR A 406 -2.52 1.16 5.39
N SER A 407 -1.55 0.36 4.96
CA SER A 407 -0.15 0.74 5.06
C SER A 407 0.57 0.16 3.85
N GLY A 408 1.69 0.76 3.49
CA GLY A 408 2.41 0.24 2.35
C GLY A 408 3.85 0.72 2.36
N ILE A 409 4.68 0.09 1.52
CA ILE A 409 6.10 0.35 1.47
C ILE A 409 6.39 1.31 0.31
N PHE A 410 7.47 2.10 0.46
CA PHE A 410 8.11 2.74 -0.68
C PHE A 410 9.62 2.70 -0.49
N SER A 411 10.37 2.86 -1.59
CA SER A 411 11.82 2.75 -1.54
C SER A 411 12.46 4.05 -2.01
N VAL A 412 13.56 4.43 -1.35
CA VAL A 412 14.21 5.70 -1.62
C VAL A 412 15.71 5.43 -1.79
N GLU A 413 16.27 5.87 -2.91
CA GLU A 413 17.67 5.64 -3.24
C GLU A 413 18.54 6.69 -2.54
N GLY A 414 19.45 6.21 -1.67
CA GLY A 414 20.45 7.05 -1.05
C GLY A 414 21.78 6.95 -1.79
N LYS A 415 22.80 7.58 -1.22
CA LYS A 415 24.12 7.69 -1.82
C LYS A 415 24.66 6.30 -2.17
N SER A 416 24.54 5.36 -1.22
CA SER A 416 25.17 4.06 -1.38
C SER A 416 24.21 2.89 -1.13
N CYS A 417 22.97 3.17 -0.71
CA CYS A 417 22.04 2.07 -0.47
C CYS A 417 20.60 2.47 -0.78
N ILE A 418 19.72 1.46 -0.84
CA ILE A 418 18.29 1.67 -1.03
C ILE A 418 17.61 1.54 0.33
N ASN A 419 16.89 2.59 0.71
CA ASN A 419 16.19 2.62 1.98
C ASN A 419 14.74 2.19 1.79
N ARG A 420 14.16 1.64 2.85
CA ARG A 420 12.76 1.25 2.85
C ARG A 420 12.02 2.15 3.82
N CYS A 421 10.86 2.66 3.39
CA CYS A 421 10.00 3.51 4.21
C CYS A 421 8.56 2.99 4.13
N PHE A 422 7.67 3.50 4.98
CA PHE A 422 6.28 3.09 4.90
C PHE A 422 5.37 4.24 5.33
N TYR A 423 4.11 4.19 4.86
CA TYR A 423 3.09 5.12 5.29
C TYR A 423 2.01 4.33 6.01
N VAL A 424 1.22 5.04 6.81
CA VAL A 424 0.02 4.47 7.42
C VAL A 424 -1.12 5.43 7.14
N GLU A 425 -2.22 4.88 6.62
CA GLU A 425 -3.47 5.58 6.44
C GLU A 425 -4.19 5.60 7.78
N LEU A 426 -4.67 6.77 8.19
CA LEU A 426 -5.35 6.91 9.47
C LEU A 426 -6.81 7.26 9.18
N ILE A 427 -7.68 6.24 9.24
CA ILE A 427 -9.03 6.39 8.72
C ILE A 427 -9.91 6.99 9.82
N ARG A 428 -10.77 7.93 9.46
CA ARG A 428 -11.71 8.54 10.39
C ARG A 428 -13.09 8.54 9.76
N GLY A 429 -14.13 8.49 10.62
CA GLY A 429 -15.49 8.59 10.14
C GLY A 429 -16.20 7.23 10.06
N ARG A 430 -17.24 7.18 9.23
CA ARG A 430 -18.10 5.99 9.11
C ARG A 430 -17.34 4.84 8.46
N LYS A 431 -17.71 3.60 8.80
CA LYS A 431 -18.89 3.31 9.62
C LYS A 431 -18.58 3.31 11.12
N GLN A 432 -17.30 3.20 11.49
CA GLN A 432 -16.93 3.03 12.89
C GLN A 432 -17.33 4.23 13.74
N GLU A 433 -17.11 5.45 13.23
CA GLU A 433 -17.45 6.67 13.96
C GLU A 433 -18.68 7.30 13.32
N THR A 434 -19.81 7.26 14.04
CA THR A 434 -21.09 7.65 13.50
C THR A 434 -21.42 9.11 13.81
N GLU A 435 -20.52 9.83 14.49
CA GLU A 435 -20.71 11.24 14.83
C GLU A 435 -20.75 12.11 13.57
N VAL A 436 -20.14 11.64 12.48
CA VAL A 436 -20.06 12.36 11.21
C VAL A 436 -20.62 11.44 10.12
N TRP A 437 -20.87 11.99 8.93
CA TRP A 437 -21.50 11.23 7.84
C TRP A 437 -20.47 10.77 6.82
N TRP A 438 -19.26 11.35 6.89
CA TRP A 438 -18.24 11.15 5.88
C TRP A 438 -17.27 10.06 6.31
N THR A 439 -16.36 9.70 5.39
CA THR A 439 -15.29 8.75 5.64
C THR A 439 -14.05 9.32 4.95
N SER A 440 -12.99 9.54 5.72
CA SER A 440 -11.77 10.10 5.14
C SER A 440 -10.56 9.56 5.90
N ASN A 441 -9.38 10.12 5.60
CA ASN A 441 -8.15 9.68 6.25
C ASN A 441 -7.13 10.82 6.27
N SER A 442 -6.16 10.72 7.19
CA SER A 442 -4.90 11.43 7.10
C SER A 442 -3.76 10.42 6.95
N ILE A 443 -2.51 10.90 6.94
CA ILE A 443 -1.40 9.97 6.76
C ILE A 443 -0.27 10.29 7.73
N VAL A 444 0.51 9.25 8.07
CA VAL A 444 1.77 9.42 8.76
C VAL A 444 2.81 8.54 8.06
N VAL A 445 4.07 8.96 8.05
CA VAL A 445 5.09 8.31 7.23
C VAL A 445 6.39 8.19 8.04
N PHE A 446 7.01 7.00 7.97
CA PHE A 446 8.29 6.74 8.63
C PHE A 446 9.28 6.17 7.60
N CYS A 447 10.57 6.36 7.84
CA CYS A 447 11.61 5.81 6.96
C CYS A 447 12.60 4.99 7.78
N GLY A 448 13.17 3.95 7.16
CA GLY A 448 14.20 3.17 7.82
C GLY A 448 15.39 4.06 8.21
N THR A 449 16.04 3.70 9.32
CA THR A 449 17.19 4.44 9.80
C THR A 449 18.27 3.45 10.21
N SER A 450 19.53 3.85 10.05
CA SER A 450 20.63 3.07 10.60
C SER A 450 21.09 3.66 11.93
N GLY A 451 20.45 4.76 12.36
CA GLY A 451 20.77 5.43 13.61
C GLY A 451 19.90 4.93 14.77
N THR A 452 19.62 5.83 15.73
CA THR A 452 18.86 5.47 16.91
C THR A 452 17.60 6.33 16.97
N TYR A 453 16.72 6.03 17.93
CA TYR A 453 15.41 6.65 17.96
C TYR A 453 14.79 6.38 19.32
N GLY A 454 13.69 7.09 19.61
CA GLY A 454 13.02 6.88 20.86
C GLY A 454 11.64 6.28 20.65
N THR A 455 10.64 6.84 21.36
CA THR A 455 9.27 6.35 21.23
C THR A 455 8.32 7.52 21.07
N GLY A 456 7.12 7.20 20.57
CA GLY A 456 6.02 8.14 20.51
C GLY A 456 4.74 7.48 20.01
N SER A 457 3.77 8.31 19.64
CA SER A 457 2.55 7.88 18.97
C SER A 457 2.07 9.06 18.14
N TRP A 458 1.75 8.79 16.87
CA TRP A 458 1.40 9.83 15.92
C TRP A 458 0.06 9.52 15.26
N PRO A 459 -1.07 9.62 16.01
CA PRO A 459 -2.39 9.33 15.44
C PRO A 459 -2.92 10.50 14.62
N ASP A 460 -4.12 10.33 14.07
CA ASP A 460 -4.75 11.34 13.24
C ASP A 460 -4.85 12.66 13.97
N GLY A 461 -5.53 12.65 15.13
CA GLY A 461 -5.59 13.84 15.98
C GLY A 461 -6.86 14.66 15.78
N GLY A 462 -7.71 14.28 14.82
CA GLY A 462 -9.00 14.93 14.70
C GLY A 462 -9.87 14.64 15.93
N ASP A 463 -10.60 15.66 16.41
CA ASP A 463 -11.57 15.47 17.47
C ASP A 463 -12.92 15.29 16.79
N ILE A 464 -13.42 14.06 16.83
CA ILE A 464 -14.58 13.71 16.02
C ILE A 464 -15.75 14.58 16.43
N ASN A 465 -15.72 15.08 17.67
CA ASN A 465 -16.84 15.84 18.19
C ASN A 465 -16.71 17.33 17.83
N LEU A 466 -15.60 17.73 17.19
CA LEU A 466 -15.42 19.11 16.78
C LEU A 466 -15.50 19.25 15.25
N MET A 467 -15.70 18.13 14.56
CA MET A 467 -15.61 18.13 13.11
C MET A 467 -16.93 18.63 12.52
N PRO A 468 -16.92 19.26 11.32
CA PRO A 468 -18.12 19.37 10.50
C PRO A 468 -18.62 17.96 10.18
N ILE A 469 -19.94 17.83 10.13
CA ILE A 469 -20.63 16.56 10.17
C ILE A 469 -20.80 16.04 8.73
C1 NAG B . -17.59 -4.39 -21.84
C2 NAG B . -18.97 -4.64 -22.46
C3 NAG B . -18.85 -4.91 -23.96
C4 NAG B . -18.10 -3.76 -24.64
C5 NAG B . -16.75 -3.50 -23.93
C6 NAG B . -16.03 -2.27 -24.47
C7 NAG B . -20.62 -5.29 -20.82
C8 NAG B . -21.69 -6.30 -20.56
N2 NAG B . -19.73 -5.66 -21.76
O3 NAG B . -20.16 -5.02 -24.52
O4 NAG B . -17.87 -4.08 -26.02
O5 NAG B . -16.95 -3.30 -22.52
O6 NAG B . -16.82 -1.09 -24.21
O7 NAG B . -20.53 -4.20 -20.20
C1 NAG B . -18.49 -3.14 -26.91
C2 NAG B . -17.86 -3.29 -28.28
C3 NAG B . -18.54 -2.38 -29.31
C4 NAG B . -20.06 -2.51 -29.26
C5 NAG B . -20.55 -2.35 -27.82
C6 NAG B . -22.07 -2.54 -27.68
C7 NAG B . -15.49 -3.82 -28.40
C8 NAG B . -14.10 -3.27 -28.51
N2 NAG B . -16.45 -2.94 -28.16
O3 NAG B . -18.03 -2.64 -30.63
O4 NAG B . -20.60 -1.45 -30.06
O5 NAG B . -19.90 -3.32 -26.99
O6 NAG B . -22.39 -3.84 -28.19
O7 NAG B . -15.72 -5.01 -28.51
C1 BMA B . -21.62 -1.93 -30.95
C2 BMA B . -22.52 -0.76 -31.33
C3 BMA B . -23.63 -1.27 -32.26
C4 BMA B . -23.05 -1.97 -33.48
C5 BMA B . -22.10 -3.08 -33.00
C6 BMA B . -21.42 -3.80 -34.15
O2 BMA B . -21.72 0.23 -31.99
O3 BMA B . -24.44 -0.19 -32.68
O4 BMA B . -24.15 -2.52 -34.20
O5 BMA B . -21.08 -2.53 -32.14
O6 BMA B . -20.66 -4.92 -33.66
C1 MAN B . -25.83 -0.50 -32.47
C2 MAN B . -26.71 0.60 -33.08
C3 MAN B . -26.62 1.85 -32.21
C4 MAN B . -26.96 1.53 -30.76
C5 MAN B . -26.00 0.45 -30.25
C6 MAN B . -26.23 0.09 -28.80
O2 MAN B . -28.09 0.18 -33.10
O3 MAN B . -27.53 2.82 -32.70
O4 MAN B . -26.84 2.70 -29.94
O5 MAN B . -26.16 -0.70 -31.08
O6 MAN B . -25.25 -0.87 -28.39
C1 MAN B . -28.68 -0.09 -34.39
C2 MAN B . -29.86 -1.05 -34.19
C3 MAN B . -30.12 -1.77 -35.50
C4 MAN B . -28.97 -2.74 -35.73
C5 MAN B . -27.62 -2.03 -35.52
C6 MAN B . -26.67 -2.39 -36.66
O2 MAN B . -31.07 -0.40 -33.76
O3 MAN B . -30.14 -0.79 -36.54
O4 MAN B . -29.05 -3.85 -34.82
O5 MAN B . -27.77 -0.59 -35.40
O6 MAN B . -25.45 -1.66 -36.55
C1 MAN B . -21.37 -6.16 -33.83
C2 MAN B . -20.58 -7.27 -33.11
C3 MAN B . -19.31 -7.62 -33.88
C4 MAN B . -19.60 -7.91 -35.35
C5 MAN B . -20.39 -6.76 -35.98
C6 MAN B . -20.75 -6.99 -37.45
O2 MAN B . -21.38 -8.44 -33.00
O3 MAN B . -18.66 -8.73 -33.23
O4 MAN B . -18.32 -8.05 -36.00
O5 MAN B . -21.60 -6.50 -35.21
O6 MAN B . -21.75 -8.01 -37.59
C1 NAG C . -26.74 11.98 4.98
C2 NAG C . -27.67 13.04 5.55
C3 NAG C . -28.71 12.39 6.43
C4 NAG C . -29.57 11.41 5.64
C5 NAG C . -28.78 10.54 4.66
C6 NAG C . -29.73 10.33 3.47
C7 NAG C . -26.93 15.30 6.02
C8 NAG C . -28.23 15.97 5.70
N2 NAG C . -26.96 14.01 6.33
O3 NAG C . -29.53 13.38 7.03
O4 NAG C . -30.15 10.53 6.61
O5 NAG C . -27.51 11.07 4.19
O6 NAG C . -29.58 9.02 2.92
O7 NAG C . -25.88 15.92 6.02
C1 MAN C . -31.59 10.62 6.75
C2 MAN C . -32.18 9.34 6.18
C3 MAN C . -33.71 9.44 6.16
C4 MAN C . -34.20 10.56 7.10
C5 MAN C . -33.62 11.91 6.67
C6 MAN C . -33.73 12.91 7.80
O2 MAN C . -31.70 8.25 7.00
O3 MAN C . -34.30 8.20 6.53
O4 MAN C . -35.63 10.61 7.11
O5 MAN C . -32.25 11.79 6.24
O6 MAN C . -33.71 14.22 7.22
C1 NAG D . -5.16 -16.80 22.26
C2 NAG D . -5.44 -16.75 23.77
C3 NAG D . -5.77 -18.13 24.35
C4 NAG D . -6.83 -18.85 23.50
C5 NAG D . -6.34 -18.86 22.04
C6 NAG D . -7.24 -19.61 21.06
C7 NAG D . -4.42 -14.93 25.00
C8 NAG D . -3.24 -14.42 25.77
N2 NAG D . -4.32 -16.15 24.47
O3 NAG D . -6.32 -17.95 25.65
O4 NAG D . -7.02 -20.17 24.04
O5 NAG D . -6.22 -17.50 21.60
O6 NAG D . -8.59 -19.18 21.25
O7 NAG D . -5.43 -14.24 24.86
C1 NAG D . -8.38 -20.44 24.46
C2 NAG D . -8.54 -21.96 24.49
C3 NAG D . -9.82 -22.45 25.16
C4 NAG D . -10.09 -21.76 26.49
C5 NAG D . -9.95 -20.24 26.36
C6 NAG D . -9.96 -19.65 27.77
C7 NAG D . -7.40 -23.09 22.65
C8 NAG D . -7.58 -23.70 21.29
N2 NAG D . -8.48 -22.49 23.14
O3 NAG D . -9.65 -23.85 25.43
O4 NAG D . -11.41 -22.11 26.97
O5 NAG D . -8.72 -19.84 25.73
O6 NAG D . -10.03 -18.23 27.70
O7 NAG D . -6.35 -23.14 23.28
C1 ZMR E . -10.89 -2.01 2.22
O1A ZMR E . -10.81 -0.97 2.85
O1B ZMR E . -10.93 -3.13 2.68
C2 ZMR E . -10.92 -1.88 0.71
C3 ZMR E . -10.83 -0.71 0.06
C4 ZMR E . -10.62 -0.70 -1.43
C5 ZMR E . -11.20 -1.96 -2.08
N5 ZMR E . -10.89 -2.06 -3.50
C10 ZMR E . -11.76 -1.70 -4.47
O10 ZMR E . -12.91 -1.36 -4.22
C11 ZMR E . -11.22 -1.72 -5.86
C6 ZMR E . -10.72 -3.22 -1.33
O6 ZMR E . -11.05 -3.12 0.09
C7 ZMR E . -11.43 -4.50 -1.79
O7 ZMR E . -12.82 -4.44 -1.48
C8 ZMR E . -10.85 -5.74 -1.09
O8 ZMR E . -9.44 -5.81 -1.35
C9 ZMR E . -11.54 -7.02 -1.52
O9 ZMR E . -11.37 -7.27 -2.90
NE ZMR E . -11.20 0.51 -2.05
CZ ZMR E . -10.68 1.09 -3.08
NH1 ZMR E . -11.38 2.07 -3.63
NH2 ZMR E . -9.50 0.75 -3.66
CA CA F . -6.94 -12.19 5.13
#